data_5G4R
#
_entry.id   5G4R
#
_cell.length_a   47.444
_cell.length_b   50.703
_cell.length_c   61.981
_cell.angle_alpha   72.61
_cell.angle_beta   71.36
_cell.angle_gamma   66.64
#
_symmetry.space_group_name_H-M   'P 1'
#
loop_
_entity.id
_entity.type
_entity.pdbx_description
1 polymer PEREGRIN
2 non-polymer N-[1,3-dimethyl-6-[(2R)-2-methylpiperazin-1-yl]-2-oxidanylidene-benzimidazol-5-yl]-2-methoxy-benzamide
3 water water
#
_entity_poly.entity_id   1
_entity_poly.type   'polypeptide(L)'
_entity_poly.pdbx_seq_one_letter_code
;GQQIAMEMQLTPFLILLRKTLEQLQEKDTGNIFSEPVPLSEVPDYLDHIKKPMDFFTMKQNLEAYRYLNFDDFEEDFNLI
VSNCLKYNAKDTIFYRAAVRLREQGGAVLRQARRQAEK
;
_entity_poly.pdbx_strand_id   A,B,C,D
#
# COMPACT_ATOMS: atom_id res chain seq x y z
N LEU A 10 -1.49 27.35 -10.68
CA LEU A 10 -1.95 26.18 -11.47
C LEU A 10 -3.49 26.05 -11.52
N THR A 11 -4.17 27.09 -12.01
CA THR A 11 -5.62 27.01 -12.21
C THR A 11 -6.00 26.26 -13.49
N PRO A 12 -5.14 26.30 -14.53
CA PRO A 12 -5.48 25.40 -15.64
C PRO A 12 -5.65 23.96 -15.16
N PHE A 13 -4.67 23.52 -14.38
CA PHE A 13 -4.70 22.20 -13.76
C PHE A 13 -5.86 22.04 -12.78
N LEU A 14 -6.13 23.06 -11.96
CA LEU A 14 -7.21 22.95 -10.98
C LEU A 14 -8.60 22.97 -11.61
N ILE A 15 -8.73 23.62 -12.77
CA ILE A 15 -9.97 23.59 -13.54
C ILE A 15 -10.25 22.14 -14.00
N LEU A 16 -9.23 21.48 -14.54
CA LEU A 16 -9.34 20.09 -14.98
C LEU A 16 -9.71 19.16 -13.82
N LEU A 17 -9.00 19.25 -12.69
CA LEU A 17 -9.28 18.35 -11.56
C LEU A 17 -10.71 18.49 -11.04
N ARG A 18 -11.18 19.73 -10.95
CA ARG A 18 -12.50 20.02 -10.45
C ARG A 18 -13.55 19.41 -11.36
N LYS A 19 -13.39 19.59 -12.67
N LYS A 19 -13.38 19.58 -12.66
CA LYS A 19 -14.28 18.95 -13.63
CA LYS A 19 -14.27 18.96 -13.64
C LYS A 19 -14.13 17.43 -13.55
C LYS A 19 -14.13 17.44 -13.57
N THR A 20 -12.90 16.94 -13.49
CA THR A 20 -12.68 15.51 -13.37
C THR A 20 -13.31 14.93 -12.10
N LEU A 21 -13.15 15.61 -10.96
CA LEU A 21 -13.79 15.17 -9.74
C LEU A 21 -15.31 15.11 -9.88
N GLU A 22 -15.93 16.12 -10.49
CA GLU A 22 -17.40 16.13 -10.68
C GLU A 22 -17.85 15.00 -11.62
N GLN A 23 -17.07 14.74 -12.66
CA GLN A 23 -17.33 13.65 -13.58
C GLN A 23 -17.30 12.31 -12.82
N LEU A 24 -16.30 12.12 -11.97
CA LEU A 24 -16.18 10.90 -11.15
C LEU A 24 -17.36 10.75 -10.22
N GLN A 25 -17.65 11.82 -9.51
CA GLN A 25 -18.77 11.89 -8.60
C GLN A 25 -20.11 11.69 -9.30
N GLU A 26 -20.22 12.03 -10.58
CA GLU A 26 -21.46 11.80 -11.32
C GLU A 26 -21.64 10.30 -11.55
N LYS A 27 -20.53 9.60 -11.71
CA LYS A 27 -20.58 8.14 -11.86
C LYS A 27 -21.04 7.41 -10.58
N ASP A 28 -20.95 8.07 -9.44
CA ASP A 28 -21.49 7.57 -8.18
C ASP A 28 -22.98 7.91 -8.09
N THR A 29 -23.75 7.13 -8.84
CA THR A 29 -25.18 7.32 -8.98
C THR A 29 -25.97 7.04 -7.70
N GLY A 30 -25.41 6.25 -6.79
CA GLY A 30 -26.03 6.00 -5.48
C GLY A 30 -25.60 6.88 -4.32
N ASN A 31 -24.57 7.72 -4.52
CA ASN A 31 -24.03 8.59 -3.47
C ASN A 31 -23.50 7.75 -2.32
N ILE A 32 -22.85 6.67 -2.72
CA ILE A 32 -22.27 5.68 -1.85
C ILE A 32 -20.92 6.23 -1.35
N PHE A 33 -20.28 7.05 -2.18
CA PHE A 33 -18.92 7.53 -1.91
C PHE A 33 -18.91 9.04 -1.69
N SER A 34 -20.06 9.59 -1.30
CA SER A 34 -20.25 11.03 -1.25
C SER A 34 -19.65 11.69 -0.01
N GLU A 35 -19.57 10.95 1.10
CA GLU A 35 -19.00 11.46 2.36
C GLU A 35 -18.25 10.31 2.99
N PRO A 36 -17.53 10.56 4.09
CA PRO A 36 -16.85 9.40 4.67
C PRO A 36 -17.76 8.30 5.17
N VAL A 37 -17.26 7.07 5.14
CA VAL A 37 -17.93 5.98 5.83
C VAL A 37 -17.97 6.44 7.29
N PRO A 38 -19.18 6.60 7.87
CA PRO A 38 -19.27 7.22 9.20
C PRO A 38 -18.85 6.23 10.25
N LEU A 39 -17.69 6.49 10.86
CA LEU A 39 -17.04 5.52 11.72
C LEU A 39 -17.84 5.22 13.00
N SER A 40 -18.64 6.16 13.48
CA SER A 40 -19.48 5.85 14.64
C SER A 40 -20.54 4.82 14.29
N GLU A 41 -21.03 4.87 13.06
CA GLU A 41 -22.05 3.95 12.60
C GLU A 41 -21.46 2.63 12.12
N VAL A 42 -20.17 2.64 11.74
CA VAL A 42 -19.49 1.42 11.27
C VAL A 42 -18.19 1.22 12.06
N PRO A 43 -18.34 0.83 13.35
CA PRO A 43 -17.20 0.87 14.27
C PRO A 43 -16.06 -0.08 13.93
N ASP A 44 -16.30 -1.11 13.11
CA ASP A 44 -15.20 -1.99 12.69
C ASP A 44 -14.51 -1.55 11.39
N TYR A 45 -14.84 -0.38 10.88
CA TYR A 45 -14.33 0.03 9.56
C TYR A 45 -12.82 0.24 9.59
N LEU A 46 -12.31 0.89 10.63
CA LEU A 46 -10.85 1.13 10.77
C LEU A 46 -10.06 -0.15 11.05
N ASP A 47 -10.75 -1.21 11.48
CA ASP A 47 -10.10 -2.50 11.66
C ASP A 47 -9.59 -3.05 10.32
N HIS A 48 -10.31 -2.76 9.23
CA HIS A 48 -9.95 -3.28 7.90
C HIS A 48 -9.36 -2.25 6.99
N ILE A 49 -9.84 -1.01 7.09
CA ILE A 49 -9.50 0.04 6.16
C ILE A 49 -8.57 1.02 6.87
N LYS A 50 -7.31 1.07 6.43
CA LYS A 50 -6.31 1.96 7.00
C LYS A 50 -6.39 3.43 6.52
N LYS A 51 -6.83 3.67 5.27
CA LYS A 51 -6.86 5.02 4.69
C LYS A 51 -8.20 5.29 4.03
N PRO A 52 -9.22 5.66 4.83
CA PRO A 52 -10.53 5.93 4.23
C PRO A 52 -10.48 7.06 3.25
N MET A 53 -11.41 7.07 2.30
CA MET A 53 -11.51 8.18 1.36
C MET A 53 -12.92 8.25 0.79
N ASP A 54 -13.29 9.43 0.33
CA ASP A 54 -14.61 9.71 -0.23
C ASP A 54 -14.49 11.01 -1.03
N PHE A 55 -15.55 11.32 -1.78
CA PHE A 55 -15.54 12.49 -2.66
C PHE A 55 -15.58 13.84 -1.95
N PHE A 56 -16.19 13.91 -0.77
CA PHE A 56 -16.25 15.14 0.02
C PHE A 56 -14.85 15.45 0.50
N THR A 57 -14.19 14.48 1.10
CA THR A 57 -12.81 14.66 1.51
C THR A 57 -11.97 15.12 0.32
N MET A 58 -12.12 14.48 -0.84
CA MET A 58 -11.30 14.80 -2.00
C MET A 58 -11.58 16.21 -2.49
N LYS A 59 -12.85 16.65 -2.43
CA LYS A 59 -13.20 18.04 -2.76
C LYS A 59 -12.46 19.00 -1.84
N GLN A 60 -12.45 18.70 -0.54
CA GLN A 60 -11.76 19.54 0.44
C GLN A 60 -10.28 19.61 0.13
N ASN A 61 -9.67 18.47 -0.16
CA ASN A 61 -8.24 18.42 -0.48
C ASN A 61 -7.94 19.22 -1.73
N LEU A 62 -8.81 19.11 -2.74
CA LEU A 62 -8.62 19.79 -4.00
C LEU A 62 -8.64 21.29 -3.77
N GLU A 63 -9.66 21.75 -3.04
CA GLU A 63 -9.86 23.17 -2.77
C GLU A 63 -8.86 23.75 -1.77
N ALA A 64 -8.22 22.87 -1.01
CA ALA A 64 -7.18 23.23 -0.09
C ALA A 64 -5.79 23.17 -0.72
N TYR A 65 -5.71 22.86 -2.02
CA TYR A 65 -4.43 22.81 -2.77
C TYR A 65 -3.50 21.64 -2.40
N ARG A 66 -4.07 20.51 -1.97
CA ARG A 66 -3.24 19.38 -1.53
C ARG A 66 -2.96 18.34 -2.63
N TYR A 67 -3.57 18.53 -3.80
CA TYR A 67 -3.28 17.70 -4.96
C TYR A 67 -2.42 18.50 -5.92
N LEU A 68 -1.11 18.29 -5.90
CA LEU A 68 -0.21 19.04 -6.78
C LEU A 68 -0.28 18.50 -8.22
N ASN A 69 -0.33 17.17 -8.35
CA ASN A 69 -0.31 16.50 -9.65
C ASN A 69 -1.44 15.48 -9.79
N PHE A 70 -1.65 14.99 -11.02
CA PHE A 70 -2.64 13.98 -11.31
C PHE A 70 -2.51 12.70 -10.49
N ASP A 71 -1.28 12.25 -10.29
CA ASP A 71 -1.06 11.00 -9.58
C ASP A 71 -1.60 11.03 -8.15
N ASP A 72 -1.31 12.09 -7.43
CA ASP A 72 -1.79 12.23 -6.06
C ASP A 72 -3.32 12.31 -5.99
N PHE A 73 -3.93 12.83 -7.04
CA PHE A 73 -5.39 12.87 -7.16
C PHE A 73 -5.99 11.48 -7.48
N GLU A 74 -5.39 10.80 -8.45
CA GLU A 74 -5.82 9.45 -8.85
C GLU A 74 -5.67 8.44 -7.68
N GLU A 75 -4.57 8.58 -6.93
CA GLU A 75 -4.30 7.84 -5.69
C GLU A 75 -5.53 7.77 -4.76
N ASP A 76 -6.05 8.94 -4.39
CA ASP A 76 -7.21 9.03 -3.54
C ASP A 76 -8.46 8.44 -4.14
N PHE A 77 -8.70 8.70 -5.42
CA PHE A 77 -9.86 8.14 -6.09
C PHE A 77 -9.84 6.62 -6.01
N ASN A 78 -8.64 6.07 -6.22
CA ASN A 78 -8.42 4.64 -6.23
C ASN A 78 -8.70 4.05 -4.84
N LEU A 79 -8.31 4.78 -3.78
CA LEU A 79 -8.56 4.35 -2.40
C LEU A 79 -10.07 4.21 -2.22
N ILE A 80 -10.84 5.08 -2.85
CA ILE A 80 -12.30 5.03 -2.64
C ILE A 80 -12.80 3.67 -3.11
N VAL A 81 -12.35 3.30 -4.32
CA VAL A 81 -12.74 2.03 -4.94
C VAL A 81 -12.22 0.85 -4.15
N SER A 82 -10.92 0.84 -3.88
CA SER A 82 -10.27 -0.32 -3.28
C SER A 82 -10.73 -0.56 -1.86
N ASN A 83 -10.87 0.49 -1.05
CA ASN A 83 -11.42 0.35 0.31
C ASN A 83 -12.74 -0.40 0.26
N CYS A 84 -13.57 -0.03 -0.68
CA CYS A 84 -14.96 -0.53 -0.79
C CYS A 84 -14.98 -2.00 -1.21
N LEU A 85 -14.07 -2.35 -2.13
CA LEU A 85 -13.90 -3.72 -2.56
C LEU A 85 -13.40 -4.61 -1.42
N LYS A 86 -12.57 -4.03 -0.57
CA LYS A 86 -11.89 -4.73 0.50
C LYS A 86 -12.81 -4.91 1.71
N TYR A 87 -13.63 -3.90 2.03
CA TYR A 87 -14.45 -3.97 3.23
C TYR A 87 -15.73 -4.79 3.00
N ASN A 88 -16.34 -4.68 1.84
CA ASN A 88 -17.65 -5.28 1.60
C ASN A 88 -17.59 -6.64 0.86
N ALA A 89 -18.51 -7.53 1.22
CA ALA A 89 -18.59 -8.84 0.57
C ALA A 89 -18.94 -8.63 -0.90
N LYS A 90 -18.49 -9.56 -1.74
CA LYS A 90 -18.76 -9.56 -3.17
C LYS A 90 -20.25 -9.45 -3.49
N ASP A 91 -21.09 -10.09 -2.69
CA ASP A 91 -22.52 -10.11 -2.93
C ASP A 91 -23.24 -8.91 -2.33
N THR A 92 -22.55 -7.77 -2.24
CA THR A 92 -23.18 -6.51 -1.81
C THR A 92 -23.30 -5.46 -2.93
N ILE A 93 -24.37 -4.65 -2.84
CA ILE A 93 -24.55 -3.48 -3.67
C ILE A 93 -23.34 -2.57 -3.64
N PHE A 94 -22.74 -2.41 -2.47
CA PHE A 94 -21.54 -1.55 -2.37
C PHE A 94 -20.41 -2.10 -3.27
N TYR A 95 -20.08 -3.38 -3.10
CA TYR A 95 -19.00 -4.01 -3.89
C TYR A 95 -19.28 -3.83 -5.39
N ARG A 96 -20.53 -4.06 -5.80
CA ARG A 96 -20.91 -3.92 -7.19
C ARG A 96 -20.75 -2.49 -7.68
N ALA A 97 -21.12 -1.53 -6.84
CA ALA A 97 -20.91 -0.12 -7.16
C ALA A 97 -19.42 0.22 -7.31
N ALA A 98 -18.58 -0.39 -6.51
CA ALA A 98 -17.14 -0.13 -6.62
C ALA A 98 -16.55 -0.75 -7.91
N VAL A 99 -16.98 -1.95 -8.28
CA VAL A 99 -16.64 -2.57 -9.58
C VAL A 99 -17.02 -1.63 -10.76
N ARG A 100 -18.21 -1.06 -10.71
CA ARG A 100 -18.67 -0.12 -11.73
C ARG A 100 -17.82 1.13 -11.75
N LEU A 101 -17.61 1.74 -10.58
CA LEU A 101 -16.90 3.00 -10.48
C LEU A 101 -15.45 2.85 -10.97
N ARG A 102 -14.83 1.72 -10.72
CA ARG A 102 -13.48 1.51 -11.27
C ARG A 102 -13.51 1.54 -12.82
N GLU A 103 -14.47 0.87 -13.43
CA GLU A 103 -14.57 0.76 -14.88
C GLU A 103 -14.87 2.13 -15.45
N GLN A 104 -15.88 2.79 -14.89
CA GLN A 104 -16.36 4.09 -15.37
C GLN A 104 -15.41 5.25 -15.05
N GLY A 105 -14.77 5.22 -13.90
CA GLY A 105 -13.83 6.27 -13.50
C GLY A 105 -12.54 6.19 -14.27
N GLY A 106 -12.18 4.97 -14.69
CA GLY A 106 -10.99 4.71 -15.47
C GLY A 106 -10.99 5.52 -16.76
N ALA A 107 -12.11 5.51 -17.47
CA ALA A 107 -12.27 6.26 -18.73
C ALA A 107 -12.18 7.78 -18.51
N VAL A 108 -12.91 8.27 -17.51
CA VAL A 108 -12.88 9.70 -17.12
C VAL A 108 -11.43 10.13 -16.83
N LEU A 109 -10.74 9.30 -16.06
CA LEU A 109 -9.37 9.60 -15.63
C LEU A 109 -8.39 9.58 -16.77
N ARG A 110 -8.55 8.60 -17.65
CA ARG A 110 -7.71 8.50 -18.84
C ARG A 110 -7.92 9.71 -19.74
N GLN A 111 -9.16 10.13 -19.96
CA GLN A 111 -9.39 11.26 -20.85
C GLN A 111 -8.83 12.56 -20.22
N ALA A 112 -9.00 12.70 -18.90
CA ALA A 112 -8.49 13.86 -18.18
C ALA A 112 -6.95 13.92 -18.24
N ARG A 113 -6.24 12.80 -18.07
CA ARG A 113 -4.77 12.81 -18.24
C ARG A 113 -4.38 13.21 -19.65
N ARG A 114 -5.15 12.74 -20.63
CA ARG A 114 -4.94 13.06 -22.04
C ARG A 114 -5.10 14.57 -22.24
N GLN A 115 -6.21 15.12 -21.72
CA GLN A 115 -6.50 16.57 -21.79
C GLN A 115 -5.38 17.43 -21.18
N ALA A 116 -4.82 16.97 -20.06
CA ALA A 116 -3.66 17.62 -19.45
C ALA A 116 -2.49 17.73 -20.42
N GLU A 117 -2.17 16.64 -21.11
CA GLU A 117 -1.04 16.60 -22.06
C GLU A 117 -1.26 17.41 -23.35
N LYS A 118 -2.52 17.55 -23.78
CA LYS A 118 -2.84 18.19 -25.05
C LYS A 118 -2.46 17.33 -26.25
N GLU B 7 10.60 1.38 -10.39
CA GLU B 7 12.03 1.43 -10.00
C GLU B 7 12.60 0.00 -9.89
N MET B 8 12.60 -0.61 -8.70
CA MET B 8 13.08 -1.99 -8.57
C MET B 8 12.08 -2.93 -9.25
N GLN B 9 12.61 -3.84 -10.08
CA GLN B 9 11.82 -4.77 -10.87
C GLN B 9 11.44 -6.03 -10.08
N LEU B 10 10.45 -6.79 -10.56
CA LEU B 10 9.97 -8.00 -9.87
C LEU B 10 11.08 -8.96 -9.44
N THR B 11 11.94 -9.36 -10.36
CA THR B 11 12.99 -10.33 -10.01
C THR B 11 13.83 -9.94 -8.79
N PRO B 12 14.52 -8.76 -8.80
CA PRO B 12 15.32 -8.40 -7.61
C PRO B 12 14.45 -8.09 -6.40
N PHE B 13 13.25 -7.58 -6.65
CA PHE B 13 12.34 -7.27 -5.55
C PHE B 13 11.98 -8.51 -4.73
N LEU B 14 11.46 -9.55 -5.38
CA LEU B 14 11.08 -10.80 -4.68
C LEU B 14 12.29 -11.50 -4.09
N ILE B 15 13.43 -11.41 -4.77
CA ILE B 15 14.67 -11.93 -4.19
C ILE B 15 14.92 -11.25 -2.84
N LEU B 16 14.91 -9.90 -2.87
CA LEU B 16 14.98 -9.10 -1.67
C LEU B 16 13.91 -9.45 -0.61
N LEU B 17 12.66 -9.57 -0.99
CA LEU B 17 11.67 -9.94 0.03
C LEU B 17 11.99 -11.31 0.61
N ARG B 18 12.30 -12.26 -0.25
CA ARG B 18 12.54 -13.62 0.20
C ARG B 18 13.67 -13.61 1.22
N LYS B 19 14.73 -12.86 0.94
CA LYS B 19 15.87 -12.77 1.86
C LYS B 19 15.46 -12.06 3.14
N THR B 20 14.58 -11.07 3.00
CA THR B 20 14.15 -10.27 4.13
C THR B 20 13.25 -11.10 5.06
N LEU B 21 12.30 -11.85 4.48
CA LEU B 21 11.45 -12.78 5.25
C LEU B 21 12.30 -13.80 6.02
N GLU B 22 13.34 -14.33 5.35
CA GLU B 22 14.24 -15.29 6.01
C GLU B 22 15.02 -14.67 7.17
N GLN B 23 15.41 -13.41 7.03
CA GLN B 23 16.05 -12.68 8.14
C GLN B 23 15.05 -12.49 9.29
N LEU B 24 13.82 -12.12 8.98
CA LEU B 24 12.82 -11.95 10.02
C LEU B 24 12.57 -13.23 10.82
N GLN B 25 12.46 -14.39 10.14
CA GLN B 25 12.21 -15.69 10.81
C GLN B 25 13.41 -16.12 11.63
N GLU B 26 14.61 -15.77 11.18
CA GLU B 26 15.81 -15.99 12.01
C GLU B 26 15.71 -15.32 13.38
N LYS B 27 15.01 -14.19 13.44
CA LYS B 27 14.83 -13.48 14.69
C LYS B 27 13.77 -14.15 15.57
N ASP B 28 12.89 -14.98 14.99
CA ASP B 28 11.93 -15.81 15.76
C ASP B 28 12.59 -17.08 16.33
N THR B 29 13.47 -16.87 17.32
CA THR B 29 14.27 -17.94 17.91
C THR B 29 13.41 -18.97 18.67
N GLY B 30 12.34 -18.48 19.31
CA GLY B 30 11.42 -19.37 20.04
C GLY B 30 10.50 -20.20 19.16
N ASN B 31 10.51 -19.93 17.86
CA ASN B 31 9.59 -20.56 16.91
C ASN B 31 8.14 -20.31 17.30
N ILE B 32 7.90 -19.09 17.77
CA ILE B 32 6.57 -18.64 18.21
C ILE B 32 5.76 -18.17 17.03
N PHE B 33 6.42 -17.71 15.97
CA PHE B 33 5.76 -16.97 14.90
C PHE B 33 5.79 -17.63 13.50
N SER B 34 6.22 -18.88 13.42
CA SER B 34 6.47 -19.48 12.15
C SER B 34 5.33 -20.35 11.56
N GLU B 35 4.23 -20.49 12.30
CA GLU B 35 3.02 -21.16 11.80
C GLU B 35 1.85 -20.41 12.39
N PRO B 36 0.65 -20.57 11.82
CA PRO B 36 -0.47 -19.86 12.47
C PRO B 36 -0.68 -20.31 13.91
N VAL B 37 -1.19 -19.40 14.75
CA VAL B 37 -1.59 -19.74 16.10
C VAL B 37 -2.66 -20.84 15.93
N PRO B 38 -2.45 -22.02 16.55
CA PRO B 38 -3.31 -23.17 16.37
C PRO B 38 -4.65 -22.98 17.07
N LEU B 39 -5.69 -22.73 16.29
CA LEU B 39 -7.00 -22.42 16.81
C LEU B 39 -7.67 -23.60 17.52
N SER B 40 -7.27 -24.84 17.22
CA SER B 40 -7.74 -26.02 18.00
C SER B 40 -7.22 -26.00 19.45
N GLU B 41 -5.98 -25.52 19.63
CA GLU B 41 -5.40 -25.29 20.93
C GLU B 41 -5.73 -23.92 21.57
N VAL B 42 -6.12 -22.92 20.77
CA VAL B 42 -6.38 -21.56 21.29
C VAL B 42 -7.78 -21.15 20.79
N PRO B 43 -8.81 -21.87 21.24
CA PRO B 43 -10.16 -21.70 20.68
C PRO B 43 -10.73 -20.30 20.84
N ASP B 44 -10.20 -19.52 21.80
CA ASP B 44 -10.70 -18.16 21.96
C ASP B 44 -9.92 -17.13 21.16
N TYR B 45 -8.96 -17.57 20.34
CA TYR B 45 -8.08 -16.62 19.67
C TYR B 45 -8.85 -15.66 18.76
N LEU B 46 -9.73 -16.20 17.91
CA LEU B 46 -10.48 -15.38 16.95
C LEU B 46 -11.66 -14.64 17.60
N ASP B 47 -11.82 -14.77 18.92
CA ASP B 47 -12.75 -13.89 19.63
C ASP B 47 -12.09 -12.50 19.76
N HIS B 48 -10.76 -12.44 19.66
CA HIS B 48 -10.00 -11.19 19.86
C HIS B 48 -9.24 -10.72 18.65
N ILE B 49 -8.70 -11.67 17.88
CA ILE B 49 -7.88 -11.34 16.71
C ILE B 49 -8.67 -11.48 15.43
N LYS B 50 -8.86 -10.37 14.74
CA LYS B 50 -9.66 -10.34 13.52
C LYS B 50 -8.89 -10.89 12.33
N LYS B 51 -7.57 -10.75 12.32
CA LYS B 51 -6.75 -11.14 11.17
C LYS B 51 -5.42 -11.76 11.64
N PRO B 52 -5.41 -13.07 11.87
CA PRO B 52 -4.16 -13.73 12.28
C PRO B 52 -3.10 -13.62 11.21
N MET B 53 -1.86 -13.66 11.65
CA MET B 53 -0.78 -13.66 10.72
C MET B 53 0.42 -14.39 11.35
N ASP B 54 1.32 -14.86 10.49
CA ASP B 54 2.51 -15.59 10.92
C ASP B 54 3.45 -15.68 9.75
N PHE B 55 4.67 -16.15 9.99
CA PHE B 55 5.63 -16.17 8.93
C PHE B 55 5.38 -17.12 7.77
N PHE B 56 4.77 -18.27 8.03
CA PHE B 56 4.42 -19.19 6.95
C PHE B 56 3.38 -18.56 6.03
N THR B 57 2.26 -18.08 6.58
CA THR B 57 1.29 -17.35 5.78
C THR B 57 1.94 -16.23 4.94
N MET B 58 2.88 -15.48 5.57
CA MET B 58 3.64 -14.45 4.87
C MET B 58 4.41 -15.02 3.70
N LYS B 59 5.03 -16.17 3.91
CA LYS B 59 5.76 -16.87 2.84
C LYS B 59 4.84 -17.30 1.70
N GLN B 60 3.66 -17.78 2.04
CA GLN B 60 2.74 -18.22 1.02
C GLN B 60 2.37 -17.00 0.17
N ASN B 61 2.05 -15.90 0.86
CA ASN B 61 1.70 -14.62 0.24
C ASN B 61 2.82 -14.15 -0.67
N LEU B 62 4.03 -14.25 -0.19
CA LEU B 62 5.15 -13.77 -0.98
C LEU B 62 5.29 -14.57 -2.31
N GLU B 63 5.19 -15.89 -2.21
CA GLU B 63 5.42 -16.74 -3.37
C GLU B 63 4.22 -16.75 -4.32
N ALA B 64 3.05 -16.35 -3.82
CA ALA B 64 1.88 -16.15 -4.64
C ALA B 64 1.69 -14.69 -5.14
N TYR B 65 2.75 -13.87 -5.08
CA TYR B 65 2.74 -12.51 -5.68
C TYR B 65 1.71 -11.55 -5.06
N ARG B 66 1.41 -11.69 -3.78
CA ARG B 66 0.54 -10.77 -3.07
C ARG B 66 1.27 -9.72 -2.26
N TYR B 67 2.62 -9.72 -2.23
CA TYR B 67 3.41 -8.58 -1.80
C TYR B 67 4.09 -7.95 -3.01
N LEU B 68 3.48 -6.87 -3.49
CA LEU B 68 3.86 -6.17 -4.72
C LEU B 68 4.48 -4.79 -4.43
N ASN B 69 4.55 -4.45 -3.15
CA ASN B 69 5.36 -3.33 -2.67
C ASN B 69 5.80 -3.67 -1.27
N PHE B 70 6.68 -2.85 -0.71
CA PHE B 70 7.21 -3.09 0.61
C PHE B 70 6.20 -2.82 1.72
N ASP B 71 5.32 -1.83 1.54
CA ASP B 71 4.33 -1.49 2.57
C ASP B 71 3.49 -2.71 2.97
N ASP B 72 3.06 -3.51 2.01
CA ASP B 72 2.16 -4.60 2.29
C ASP B 72 2.85 -5.72 3.03
N PHE B 73 4.11 -5.99 2.69
CA PHE B 73 4.96 -6.93 3.43
C PHE B 73 5.13 -6.52 4.88
N GLU B 74 5.47 -5.25 5.08
CA GLU B 74 5.70 -4.70 6.40
C GLU B 74 4.42 -4.72 7.22
N GLU B 75 3.32 -4.34 6.61
CA GLU B 75 2.06 -4.37 7.33
C GLU B 75 1.73 -5.78 7.92
N ASP B 76 2.01 -6.85 7.18
CA ASP B 76 1.78 -8.19 7.73
C ASP B 76 2.72 -8.57 8.87
N PHE B 77 3.99 -8.24 8.75
CA PHE B 77 4.91 -8.40 9.86
C PHE B 77 4.45 -7.68 11.13
N ASN B 78 4.04 -6.41 10.99
CA ASN B 78 3.50 -5.62 12.12
C ASN B 78 2.24 -6.26 12.75
N LEU B 79 1.54 -7.02 11.92
CA LEU B 79 0.31 -7.69 12.35
C LEU B 79 0.66 -8.88 13.22
N ILE B 80 1.73 -9.59 12.87
CA ILE B 80 2.22 -10.69 13.68
C ILE B 80 2.50 -10.13 15.10
N VAL B 81 3.27 -9.05 15.17
CA VAL B 81 3.64 -8.44 16.45
C VAL B 81 2.36 -7.96 17.22
N SER B 82 1.55 -7.10 16.62
CA SER B 82 0.42 -6.48 17.35
C SER B 82 -0.65 -7.49 17.80
N ASN B 83 -0.87 -8.53 17.01
CA ASN B 83 -1.85 -9.55 17.37
C ASN B 83 -1.39 -10.20 18.66
N CYS B 84 -0.10 -10.46 18.76
CA CYS B 84 0.46 -11.15 19.87
C CYS B 84 0.49 -10.31 21.15
N LEU B 85 0.84 -9.03 21.01
CA LEU B 85 0.77 -8.09 22.13
C LEU B 85 -0.70 -7.96 22.58
N LYS B 86 -1.61 -7.96 21.64
CA LYS B 86 -3.03 -7.78 21.98
C LYS B 86 -3.60 -9.00 22.72
N TYR B 87 -3.29 -10.19 22.23
CA TYR B 87 -3.90 -11.39 22.79
C TYR B 87 -3.29 -11.87 24.10
N ASN B 88 -1.96 -11.81 24.23
CA ASN B 88 -1.26 -12.37 25.37
C ASN B 88 -1.02 -11.37 26.50
N ALA B 89 -1.01 -11.89 27.73
CA ALA B 89 -0.73 -11.09 28.91
C ALA B 89 0.75 -10.78 28.80
N LYS B 90 1.17 -9.64 29.37
CA LYS B 90 2.55 -9.15 29.31
C LYS B 90 3.58 -10.12 29.85
N ASP B 91 3.19 -10.85 30.89
CA ASP B 91 4.09 -11.76 31.57
C ASP B 91 3.91 -13.15 30.97
N THR B 92 4.24 -13.26 29.68
CA THR B 92 4.17 -14.54 28.96
C THR B 92 5.30 -14.57 27.97
N ILE B 93 5.76 -15.79 27.66
CA ILE B 93 6.80 -15.96 26.65
C ILE B 93 6.38 -15.38 25.31
N PHE B 94 5.10 -15.49 24.96
CA PHE B 94 4.64 -14.98 23.66
C PHE B 94 4.75 -13.46 23.57
N TYR B 95 4.24 -12.77 24.60
CA TYR B 95 4.24 -11.30 24.60
C TYR B 95 5.66 -10.82 24.52
N ARG B 96 6.52 -11.46 25.28
CA ARG B 96 7.91 -10.99 25.40
C ARG B 96 8.64 -11.20 24.07
N ALA B 97 8.34 -12.30 23.39
CA ALA B 97 8.97 -12.62 22.09
C ALA B 97 8.50 -11.60 21.05
N ALA B 98 7.24 -11.20 21.17
CA ALA B 98 6.66 -10.23 20.22
C ALA B 98 7.33 -8.87 20.37
N VAL B 99 7.54 -8.42 21.61
CA VAL B 99 8.24 -7.15 21.86
C VAL B 99 9.62 -7.22 21.23
N ARG B 100 10.28 -8.35 21.40
CA ARG B 100 11.67 -8.53 20.94
C ARG B 100 11.75 -8.58 19.37
N LEU B 101 10.74 -9.22 18.78
CA LEU B 101 10.63 -9.33 17.34
C LEU B 101 10.41 -7.95 16.71
N ARG B 102 9.55 -7.12 17.33
CA ARG B 102 9.34 -5.73 16.92
C ARG B 102 10.66 -4.99 16.79
N GLU B 103 11.52 -5.08 17.81
CA GLU B 103 12.82 -4.38 17.78
C GLU B 103 13.79 -4.97 16.78
N GLN B 104 14.04 -6.27 16.88
CA GLN B 104 14.98 -6.97 16.00
C GLN B 104 14.46 -6.99 14.57
N GLY B 105 13.21 -7.37 14.39
CA GLY B 105 12.58 -7.36 13.07
C GLY B 105 12.53 -5.99 12.45
N GLY B 106 12.33 -4.98 13.29
CA GLY B 106 12.21 -3.59 12.83
C GLY B 106 13.44 -3.04 12.15
N ALA B 107 14.62 -3.48 12.59
CA ALA B 107 15.88 -3.00 12.00
C ALA B 107 16.25 -3.77 10.72
N VAL B 108 15.89 -5.04 10.67
CA VAL B 108 15.99 -5.79 9.42
C VAL B 108 15.21 -5.06 8.33
N LEU B 109 13.98 -4.63 8.68
CA LEU B 109 13.06 -4.05 7.73
C LEU B 109 13.43 -2.67 7.21
N ARG B 110 13.97 -1.81 8.05
CA ARG B 110 14.41 -0.54 7.51
C ARG B 110 15.70 -0.68 6.68
N GLN B 111 16.57 -1.65 7.00
CA GLN B 111 17.72 -1.93 6.11
C GLN B 111 17.25 -2.48 4.77
N ALA B 112 16.31 -3.43 4.79
CA ALA B 112 15.73 -3.95 3.53
C ALA B 112 14.92 -2.90 2.75
N ARG B 113 14.19 -2.03 3.46
CA ARG B 113 13.42 -0.96 2.79
C ARG B 113 14.35 0.03 2.09
N ARG B 114 15.55 0.22 2.62
CA ARG B 114 16.60 1.00 1.97
C ARG B 114 16.99 0.40 0.63
N GLN B 115 17.15 -0.93 0.58
CA GLN B 115 17.53 -1.63 -0.65
C GLN B 115 16.51 -1.40 -1.77
N ALA B 116 15.23 -1.46 -1.41
CA ALA B 116 14.14 -1.32 -2.38
C ALA B 116 14.02 0.11 -2.95
N GLU B 117 14.85 1.02 -2.47
CA GLU B 117 15.07 2.34 -3.10
C GLU B 117 16.52 2.53 -3.56
N LYS B 118 17.48 2.12 -2.73
CA LYS B 118 18.90 2.21 -3.07
C LYS B 118 19.23 1.38 -4.31
N GLU C 7 18.50 14.99 -0.11
CA GLU C 7 17.60 15.46 -1.19
C GLU C 7 16.87 16.73 -0.76
N MET C 8 15.99 16.59 0.22
CA MET C 8 15.11 17.65 0.65
C MET C 8 15.97 18.57 1.51
N GLN C 9 15.96 19.86 1.18
CA GLN C 9 16.78 20.85 1.87
C GLN C 9 16.16 21.15 3.22
N LEU C 10 16.93 21.82 4.06
CA LEU C 10 16.56 22.01 5.46
C LEU C 10 15.22 22.74 5.62
N THR C 11 14.96 23.77 4.83
CA THR C 11 13.74 24.57 5.04
C THR C 11 12.45 23.73 4.88
N PRO C 12 12.24 23.08 3.73
CA PRO C 12 11.05 22.23 3.61
C PRO C 12 11.07 21.00 4.54
N PHE C 13 12.25 20.50 4.87
CA PHE C 13 12.37 19.34 5.78
C PHE C 13 11.78 19.63 7.16
N LEU C 14 12.25 20.69 7.81
CA LEU C 14 11.74 21.10 9.12
C LEU C 14 10.26 21.48 9.06
N ILE C 15 9.81 22.14 8.00
CA ILE C 15 8.37 22.40 7.80
C ILE C 15 7.58 21.08 7.79
N LEU C 16 8.09 20.07 7.09
CA LEU C 16 7.49 18.72 7.06
C LEU C 16 7.47 18.10 8.46
N LEU C 17 8.60 18.10 9.15
CA LEU C 17 8.62 17.55 10.51
C LEU C 17 7.66 18.25 11.48
N ARG C 18 7.58 19.60 11.45
CA ARG C 18 6.65 20.30 12.33
C ARG C 18 5.23 19.88 12.05
N LYS C 19 4.89 19.76 10.77
CA LYS C 19 3.53 19.35 10.38
C LYS C 19 3.29 17.88 10.73
N THR C 20 4.32 17.06 10.58
CA THR C 20 4.21 15.64 10.91
C THR C 20 3.95 15.50 12.41
N LEU C 21 4.69 16.29 13.21
CA LEU C 21 4.58 16.29 14.66
C LEU C 21 3.19 16.76 15.08
N GLU C 22 2.68 17.84 14.50
CA GLU C 22 1.27 18.25 14.77
C GLU C 22 0.26 17.15 14.45
N GLN C 23 0.54 16.40 13.40
CA GLN C 23 -0.34 15.28 12.97
C GLN C 23 -0.32 14.12 13.95
N LEU C 24 0.85 13.80 14.46
CA LEU C 24 1.05 12.81 15.50
C LEU C 24 0.32 13.26 16.76
N GLN C 25 0.42 14.54 17.06
CA GLN C 25 -0.19 15.12 18.25
C GLN C 25 -1.69 14.99 18.18
N GLU C 26 -2.24 15.16 16.99
CA GLU C 26 -3.69 15.10 16.81
C GLU C 26 -4.25 13.73 17.14
N LYS C 27 -3.50 12.68 16.80
CA LYS C 27 -3.90 11.30 17.11
C LYS C 27 -3.91 11.09 18.63
N ASP C 28 -3.06 11.83 19.35
CA ASP C 28 -3.03 11.75 20.82
C ASP C 28 -4.16 12.59 21.42
N THR C 29 -5.39 12.11 21.30
CA THR C 29 -6.58 12.89 21.67
C THR C 29 -6.59 13.35 23.14
N GLY C 30 -6.17 12.48 24.05
CA GLY C 30 -6.16 12.80 25.49
C GLY C 30 -4.87 13.41 26.05
N ASN C 31 -4.06 14.04 25.20
CA ASN C 31 -2.77 14.63 25.62
C ASN C 31 -1.92 13.78 26.58
N ILE C 32 -1.87 12.49 26.32
CA ILE C 32 -1.14 11.53 27.13
C ILE C 32 0.37 11.64 26.89
N PHE C 33 0.74 12.05 25.68
CA PHE C 33 2.14 12.06 25.27
C PHE C 33 2.65 13.46 24.99
N SER C 34 1.93 14.46 25.49
CA SER C 34 2.22 15.86 25.23
C SER C 34 3.44 16.42 26.00
N GLU C 35 3.71 15.84 27.16
CA GLU C 35 4.76 16.31 28.07
C GLU C 35 5.46 15.05 28.60
N PRO C 36 6.70 15.19 29.12
CA PRO C 36 7.34 14.03 29.74
C PRO C 36 6.50 13.41 30.87
N VAL C 37 6.61 12.09 31.03
CA VAL C 37 5.99 11.39 32.14
C VAL C 37 6.54 12.05 33.42
N PRO C 38 5.65 12.54 34.28
CA PRO C 38 6.06 13.31 35.47
C PRO C 38 6.73 12.43 36.53
N LEU C 39 8.06 12.51 36.63
CA LEU C 39 8.82 11.60 37.49
C LEU C 39 8.50 11.77 38.99
N SER C 40 8.03 12.94 39.39
CA SER C 40 7.55 13.17 40.75
C SER C 40 6.27 12.41 41.07
N GLU C 41 5.44 12.12 40.07
CA GLU C 41 4.24 11.29 40.28
C GLU C 41 4.48 9.81 40.00
N VAL C 42 5.49 9.52 39.17
CA VAL C 42 5.77 8.16 38.79
C VAL C 42 7.27 7.90 39.08
N PRO C 43 7.64 7.82 40.38
CA PRO C 43 9.07 7.78 40.74
C PRO C 43 9.82 6.52 40.35
N ASP C 44 9.10 5.44 40.05
CA ASP C 44 9.74 4.19 39.61
C ASP C 44 9.92 4.12 38.09
N TYR C 45 9.48 5.14 37.37
CA TYR C 45 9.52 5.16 35.91
C TYR C 45 10.92 4.88 35.41
N LEU C 46 11.87 5.64 35.91
CA LEU C 46 13.23 5.54 35.49
C LEU C 46 13.90 4.25 35.96
N ASP C 47 13.27 3.49 36.85
CA ASP C 47 13.77 2.13 37.14
C ASP C 47 13.56 1.23 35.93
N HIS C 48 12.52 1.52 35.14
CA HIS C 48 12.12 0.71 34.00
C HIS C 48 12.45 1.26 32.64
N ILE C 49 12.41 2.58 32.49
CA ILE C 49 12.53 3.22 31.19
C ILE C 49 13.89 3.92 31.09
N LYS C 50 14.63 3.59 30.04
CA LYS C 50 16.00 4.06 29.86
C LYS C 50 16.04 5.46 29.25
N LYS C 51 15.17 5.72 28.27
CA LYS C 51 15.16 7.01 27.59
C LYS C 51 13.72 7.45 27.44
N PRO C 52 13.21 8.29 28.36
CA PRO C 52 11.81 8.72 28.24
C PRO C 52 11.63 9.62 27.04
N MET C 53 10.42 9.70 26.49
CA MET C 53 10.23 10.57 25.37
C MET C 53 8.76 10.95 25.34
N ASP C 54 8.50 12.08 24.69
CA ASP C 54 7.19 12.71 24.65
C ASP C 54 7.18 13.73 23.49
N PHE C 55 6.02 14.29 23.12
CA PHE C 55 5.96 15.17 21.94
C PHE C 55 6.60 16.56 22.18
N PHE C 56 6.60 17.02 23.43
CA PHE C 56 7.21 18.29 23.74
C PHE C 56 8.71 18.18 23.54
N THR C 57 9.30 17.15 24.10
CA THR C 57 10.76 16.93 23.93
C THR C 57 11.13 16.81 22.45
N MET C 58 10.34 16.04 21.69
CA MET C 58 10.49 15.95 20.22
C MET C 58 10.52 17.31 19.52
N LYS C 59 9.55 18.14 19.83
CA LYS C 59 9.45 19.52 19.31
C LYS C 59 10.69 20.34 19.64
N GLN C 60 11.18 20.22 20.86
CA GLN C 60 12.39 20.90 21.28
C GLN C 60 13.58 20.42 20.41
N ASN C 61 13.67 19.11 20.24
CA ASN C 61 14.73 18.49 19.45
C ASN C 61 14.66 19.01 17.99
N LEU C 62 13.45 19.10 17.46
CA LEU C 62 13.15 19.53 16.08
C LEU C 62 13.62 20.96 15.81
N GLU C 63 13.23 21.89 16.69
CA GLU C 63 13.61 23.30 16.54
C GLU C 63 15.09 23.51 16.82
N ALA C 64 15.68 22.62 17.59
CA ALA C 64 17.15 22.69 17.88
C ALA C 64 18.02 21.92 16.88
N TYR C 65 17.45 21.59 15.73
CA TYR C 65 18.17 20.89 14.65
C TYR C 65 18.80 19.56 15.10
N ARG C 66 18.08 18.85 15.96
CA ARG C 66 18.59 17.55 16.40
C ARG C 66 18.06 16.40 15.53
N TYR C 67 16.94 16.61 14.82
CA TYR C 67 16.47 15.71 13.74
C TYR C 67 16.91 16.17 12.34
N LEU C 68 17.98 15.55 11.84
CA LEU C 68 18.58 15.87 10.56
C LEU C 68 18.28 14.78 9.50
N ASN C 69 17.47 13.79 9.88
CA ASN C 69 16.87 12.84 8.95
C ASN C 69 15.57 12.34 9.52
N PHE C 70 14.79 11.64 8.71
CA PHE C 70 13.50 11.13 9.13
C PHE C 70 13.62 9.94 10.08
N ASP C 71 14.72 9.18 9.97
CA ASP C 71 14.94 8.00 10.81
C ASP C 71 14.97 8.33 12.28
N ASP C 72 15.73 9.35 12.66
CA ASP C 72 15.86 9.76 14.05
C ASP C 72 14.54 10.33 14.60
N PHE C 73 13.78 11.00 13.76
CA PHE C 73 12.49 11.51 14.16
C PHE C 73 11.59 10.32 14.47
N GLU C 74 11.50 9.37 13.54
CA GLU C 74 10.71 8.18 13.73
C GLU C 74 11.20 7.41 14.95
N GLU C 75 12.52 7.32 15.12
CA GLU C 75 13.04 6.59 16.25
C GLU C 75 12.51 7.14 17.59
N ASP C 76 12.46 8.46 17.77
CA ASP C 76 11.93 9.01 19.00
C ASP C 76 10.43 8.84 19.10
N PHE C 77 9.73 8.87 17.98
CA PHE C 77 8.28 8.62 18.06
C PHE C 77 8.04 7.23 18.63
N ASN C 78 8.77 6.27 18.09
CA ASN C 78 8.62 4.86 18.45
C ASN C 78 8.94 4.63 19.94
N LEU C 79 9.94 5.35 20.42
CA LEU C 79 10.32 5.36 21.82
C LEU C 79 9.19 5.81 22.73
N ILE C 80 8.42 6.82 22.30
CA ILE C 80 7.23 7.28 23.04
C ILE C 80 6.29 6.09 23.19
N VAL C 81 6.07 5.37 22.11
CA VAL C 81 5.15 4.25 22.12
C VAL C 81 5.72 3.05 22.91
N SER C 82 6.95 2.64 22.65
CA SER C 82 7.38 1.43 23.27
C SER C 82 7.55 1.67 24.78
N ASN C 83 7.93 2.88 25.18
CA ASN C 83 8.19 3.16 26.59
C ASN C 83 6.86 2.97 27.30
N CYS C 84 5.80 3.36 26.65
CA CYS C 84 4.51 3.35 27.32
C CYS C 84 3.96 1.92 27.47
N LEU C 85 4.16 1.10 26.44
CA LEU C 85 3.69 -0.30 26.48
C LEU C 85 4.53 -1.09 27.49
N LYS C 86 5.81 -0.75 27.58
CA LYS C 86 6.71 -1.44 28.51
C LYS C 86 6.38 -1.12 29.98
N TYR C 87 6.15 0.16 30.28
CA TYR C 87 5.86 0.60 31.62
C TYR C 87 4.49 0.24 32.15
N ASN C 88 3.44 0.51 31.39
CA ASN C 88 2.07 0.47 31.91
C ASN C 88 1.42 -0.92 31.77
N ALA C 89 0.61 -1.29 32.77
CA ALA C 89 -0.28 -2.46 32.64
C ALA C 89 -1.16 -2.30 31.42
N LYS C 90 -1.52 -3.43 30.81
CA LYS C 90 -2.35 -3.44 29.60
C LYS C 90 -3.69 -2.80 29.87
N ASP C 91 -4.22 -3.02 31.06
CA ASP C 91 -5.51 -2.43 31.44
C ASP C 91 -5.32 -1.03 32.02
N THR C 92 -4.91 -0.08 31.18
CA THR C 92 -4.73 1.30 31.60
C THR C 92 -4.94 2.21 30.40
N ILE C 93 -5.42 3.43 30.69
CA ILE C 93 -5.58 4.50 29.72
C ILE C 93 -4.29 4.69 28.89
N PHE C 94 -3.14 4.64 29.54
CA PHE C 94 -1.86 4.86 28.88
C PHE C 94 -1.54 3.79 27.86
N TYR C 95 -1.64 2.52 28.25
CA TYR C 95 -1.28 1.42 27.35
C TYR C 95 -2.20 1.43 26.15
N ARG C 96 -3.50 1.55 26.40
CA ARG C 96 -4.46 1.56 25.30
C ARG C 96 -4.19 2.74 24.38
N ALA C 97 -3.80 3.88 24.94
CA ALA C 97 -3.49 5.06 24.15
C ALA C 97 -2.30 4.78 23.23
N ALA C 98 -1.30 4.14 23.80
CA ALA C 98 -0.09 3.82 23.06
C ALA C 98 -0.30 2.82 21.92
N VAL C 99 -1.03 1.73 22.18
CA VAL C 99 -1.46 0.81 21.12
C VAL C 99 -2.11 1.55 19.96
N ARG C 100 -2.99 2.48 20.29
CA ARG C 100 -3.72 3.26 19.29
C ARG C 100 -2.74 4.18 18.53
N LEU C 101 -1.81 4.82 19.26
CA LEU C 101 -0.87 5.75 18.67
C LEU C 101 0.14 5.07 17.76
N ARG C 102 0.53 3.83 18.09
CA ARG C 102 1.42 3.06 17.23
C ARG C 102 0.79 2.83 15.86
N GLU C 103 -0.52 2.54 15.85
CA GLU C 103 -1.24 2.35 14.59
C GLU C 103 -1.40 3.64 13.82
N GLN C 104 -2.02 4.63 14.46
CA GLN C 104 -2.33 5.90 13.82
C GLN C 104 -1.05 6.69 13.48
N GLY C 105 -0.14 6.75 14.42
CA GLY C 105 1.11 7.47 14.20
C GLY C 105 1.97 6.86 13.11
N GLY C 106 1.92 5.53 13.00
CA GLY C 106 2.72 4.81 12.01
C GLY C 106 2.31 5.16 10.59
N ALA C 107 1.01 5.34 10.38
CA ALA C 107 0.46 5.72 9.10
C ALA C 107 0.86 7.18 8.80
N VAL C 108 0.62 8.07 9.76
CA VAL C 108 1.06 9.45 9.67
C VAL C 108 2.51 9.48 9.22
N LEU C 109 3.35 8.64 9.82
CA LEU C 109 4.79 8.65 9.51
C LEU C 109 5.13 8.09 8.14
N ARG C 110 4.31 7.14 7.66
CA ARG C 110 4.57 6.52 6.38
C ARG C 110 4.26 7.54 5.30
N GLN C 111 3.17 8.26 5.47
CA GLN C 111 2.76 9.29 4.52
C GLN C 111 3.80 10.42 4.45
N ALA C 112 4.26 10.93 5.60
CA ALA C 112 5.26 12.00 5.63
C ALA C 112 6.59 11.54 5.08
N ARG C 113 6.93 10.27 5.28
CA ARG C 113 8.16 9.74 4.69
C ARG C 113 8.10 9.71 3.16
N ARG C 114 6.93 9.33 2.61
CA ARG C 114 6.68 9.42 1.17
C ARG C 114 6.70 10.86 0.63
N GLN C 115 6.32 11.84 1.45
CA GLN C 115 6.39 13.25 1.05
C GLN C 115 7.84 13.72 0.89
N ALA C 116 8.72 13.24 1.75
CA ALA C 116 10.12 13.62 1.70
C ALA C 116 10.78 13.19 0.39
N GLU C 117 10.42 12.01 -0.10
CA GLU C 117 11.04 11.47 -1.31
C GLU C 117 10.53 12.15 -2.58
N LYS C 118 9.22 12.41 -2.67
CA LYS C 118 8.61 13.00 -3.89
C LYS C 118 9.22 14.35 -4.25
N LEU D 10 -0.67 -15.20 -46.40
CA LEU D 10 -1.00 -15.77 -45.05
C LEU D 10 0.26 -15.76 -44.17
N THR D 11 1.21 -16.62 -44.55
CA THR D 11 2.41 -16.88 -43.76
C THR D 11 3.40 -15.71 -43.74
N PRO D 12 3.55 -14.95 -44.86
CA PRO D 12 4.46 -13.80 -44.76
C PRO D 12 4.07 -12.86 -43.62
N PHE D 13 2.77 -12.63 -43.45
CA PHE D 13 2.25 -11.76 -42.38
C PHE D 13 2.51 -12.29 -41.00
N LEU D 14 2.22 -13.58 -40.79
CA LEU D 14 2.42 -14.21 -39.50
C LEU D 14 3.90 -14.33 -39.10
N ILE D 15 4.80 -14.32 -40.07
CA ILE D 15 6.24 -14.36 -39.80
C ILE D 15 6.68 -13.02 -39.18
N LEU D 16 6.13 -11.91 -39.66
CA LEU D 16 6.39 -10.59 -39.05
C LEU D 16 5.75 -10.45 -37.67
N LEU D 17 4.50 -10.89 -37.53
CA LEU D 17 3.78 -10.86 -36.25
C LEU D 17 4.41 -11.73 -35.20
N ARG D 18 5.05 -12.82 -35.64
CA ARG D 18 5.71 -13.74 -34.73
C ARG D 18 6.85 -12.98 -34.06
N LYS D 19 7.63 -12.29 -34.87
CA LYS D 19 8.78 -11.50 -34.38
C LYS D 19 8.29 -10.34 -33.54
N THR D 20 7.21 -9.72 -33.97
CA THR D 20 6.67 -8.60 -33.20
C THR D 20 6.31 -9.08 -31.80
N LEU D 21 5.73 -10.27 -31.70
CA LEU D 21 5.31 -10.83 -30.43
C LEU D 21 6.52 -11.13 -29.59
N GLU D 22 7.54 -11.74 -30.19
CA GLU D 22 8.79 -11.97 -29.50
C GLU D 22 9.34 -10.65 -28.95
N GLN D 23 9.27 -9.59 -29.74
CA GLN D 23 9.74 -8.28 -29.27
C GLN D 23 8.95 -7.75 -28.08
N LEU D 24 7.63 -7.92 -28.10
CA LEU D 24 6.82 -7.44 -27.01
C LEU D 24 7.10 -8.20 -25.75
N GLN D 25 7.31 -9.50 -25.91
CA GLN D 25 7.55 -10.40 -24.81
C GLN D 25 8.90 -10.12 -24.17
N GLU D 26 9.92 -9.81 -24.97
CA GLU D 26 11.24 -9.37 -24.44
C GLU D 26 11.14 -8.20 -23.46
N LYS D 27 10.18 -7.31 -23.69
CA LYS D 27 9.95 -6.15 -22.81
C LYS D 27 9.33 -6.56 -21.49
N ASP D 28 8.61 -7.69 -21.45
CA ASP D 28 8.14 -8.28 -20.19
C ASP D 28 9.34 -8.90 -19.50
N THR D 29 10.22 -8.04 -19.04
CA THR D 29 11.50 -8.41 -18.51
C THR D 29 11.34 -9.14 -17.16
N GLY D 30 10.21 -8.96 -16.47
CA GLY D 30 9.88 -9.75 -15.29
C GLY D 30 9.07 -11.04 -15.49
N ASN D 31 8.63 -11.31 -16.72
CA ASN D 31 7.72 -12.45 -17.00
C ASN D 31 6.41 -12.40 -16.21
N ILE D 32 5.94 -11.17 -16.00
CA ILE D 32 4.64 -10.91 -15.38
C ILE D 32 3.49 -11.27 -16.32
N PHE D 33 3.77 -11.19 -17.63
CA PHE D 33 2.74 -11.32 -18.68
C PHE D 33 2.83 -12.60 -19.50
N SER D 34 3.61 -13.56 -19.01
CA SER D 34 3.96 -14.75 -19.74
C SER D 34 2.89 -15.82 -19.86
N GLU D 35 1.88 -15.78 -19.00
CA GLU D 35 0.84 -16.81 -19.03
C GLU D 35 -0.40 -16.19 -18.43
N PRO D 36 -1.54 -16.87 -18.53
CA PRO D 36 -2.72 -16.23 -17.95
C PRO D 36 -2.60 -15.94 -16.46
N VAL D 37 -3.27 -14.91 -15.95
CA VAL D 37 -3.37 -14.76 -14.53
C VAL D 37 -4.16 -15.99 -14.08
N PRO D 38 -3.60 -16.76 -13.14
CA PRO D 38 -4.26 -17.99 -12.74
C PRO D 38 -5.46 -17.73 -11.87
N LEU D 39 -6.65 -18.06 -12.37
CA LEU D 39 -7.91 -17.59 -11.82
C LEU D 39 -8.24 -18.28 -10.49
N SER D 40 -7.86 -19.55 -10.36
CA SER D 40 -8.01 -20.26 -9.10
C SER D 40 -7.18 -19.59 -7.98
N GLU D 41 -6.00 -19.08 -8.34
CA GLU D 41 -5.11 -18.38 -7.39
C GLU D 41 -5.52 -16.92 -7.09
N VAL D 42 -6.30 -16.31 -7.99
CA VAL D 42 -6.68 -14.89 -7.88
C VAL D 42 -8.18 -14.84 -8.15
N PRO D 43 -8.98 -15.31 -7.19
CA PRO D 43 -10.39 -15.59 -7.52
C PRO D 43 -11.29 -14.38 -7.69
N ASP D 44 -10.78 -13.16 -7.41
CA ASP D 44 -11.55 -11.96 -7.73
C ASP D 44 -11.17 -11.32 -9.08
N TYR D 45 -10.30 -11.97 -9.85
CA TYR D 45 -9.78 -11.35 -11.08
C TYR D 45 -10.89 -11.10 -12.09
N LEU D 46 -11.76 -12.10 -12.27
CA LEU D 46 -12.84 -12.01 -13.22
C LEU D 46 -13.97 -11.10 -12.75
N ASP D 47 -13.94 -10.68 -11.48
CA ASP D 47 -14.91 -9.67 -11.01
C ASP D 47 -14.65 -8.36 -11.73
N HIS D 48 -13.38 -8.12 -12.09
CA HIS D 48 -12.98 -6.88 -12.73
C HIS D 48 -12.65 -6.98 -14.20
N ILE D 49 -12.02 -8.10 -14.58
CA ILE D 49 -11.46 -8.25 -15.91
C ILE D 49 -12.36 -9.13 -16.77
N LYS D 50 -12.96 -8.53 -17.79
CA LYS D 50 -13.87 -9.22 -18.71
C LYS D 50 -13.13 -10.11 -19.71
N LYS D 51 -11.94 -9.70 -20.12
CA LYS D 51 -11.15 -10.46 -21.10
C LYS D 51 -9.67 -10.57 -20.71
N PRO D 52 -9.31 -11.62 -19.97
CA PRO D 52 -7.85 -11.74 -19.66
C PRO D 52 -7.00 -12.00 -20.88
N MET D 53 -5.74 -11.60 -20.82
CA MET D 53 -4.87 -11.87 -21.93
C MET D 53 -3.45 -11.92 -21.41
N ASP D 54 -2.61 -12.67 -22.13
CA ASP D 54 -1.20 -12.82 -21.80
C ASP D 54 -0.41 -13.25 -23.04
N PHE D 55 0.91 -13.26 -22.99
CA PHE D 55 1.68 -13.57 -24.19
C PHE D 55 1.56 -15.02 -24.61
N PHE D 56 1.39 -15.94 -23.68
CA PHE D 56 1.18 -17.34 -24.04
C PHE D 56 -0.08 -17.51 -24.88
N THR D 57 -1.20 -17.03 -24.38
CA THR D 57 -2.43 -17.07 -25.16
C THR D 57 -2.25 -16.43 -26.54
N MET D 58 -1.53 -15.31 -26.62
CA MET D 58 -1.37 -14.60 -27.91
C MET D 58 -0.57 -15.43 -28.89
N LYS D 59 0.42 -16.15 -28.40
CA LYS D 59 1.20 -17.05 -29.23
C LYS D 59 0.27 -18.17 -29.76
N GLN D 60 -0.49 -18.78 -28.86
CA GLN D 60 -1.50 -19.79 -29.27
C GLN D 60 -2.37 -19.22 -30.37
N ASN D 61 -2.92 -18.04 -30.11
CA ASN D 61 -3.82 -17.37 -31.05
C ASN D 61 -3.15 -17.11 -32.40
N LEU D 62 -1.88 -16.74 -32.39
CA LEU D 62 -1.20 -16.38 -33.61
C LEU D 62 -0.94 -17.62 -34.44
N GLU D 63 -0.32 -18.64 -33.83
CA GLU D 63 -0.06 -19.89 -34.53
C GLU D 63 -1.34 -20.68 -34.85
N ALA D 64 -2.48 -20.20 -34.36
CA ALA D 64 -3.77 -20.77 -34.72
C ALA D 64 -4.46 -19.94 -35.80
N TYR D 65 -3.71 -19.01 -36.40
CA TYR D 65 -4.23 -18.13 -37.46
C TYR D 65 -5.41 -17.25 -37.02
N ARG D 66 -5.43 -16.83 -35.75
CA ARG D 66 -6.53 -15.95 -35.28
C ARG D 66 -6.21 -14.46 -35.39
N TYR D 67 -4.96 -14.11 -35.70
CA TYR D 67 -4.61 -12.72 -36.01
C TYR D 67 -4.34 -12.57 -37.50
N LEU D 68 -5.38 -12.10 -38.18
CA LEU D 68 -5.41 -12.00 -39.64
C LEU D 68 -5.16 -10.55 -40.11
N ASN D 69 -5.16 -9.60 -39.17
CA ASN D 69 -4.67 -8.24 -39.40
C ASN D 69 -4.02 -7.68 -38.16
N PHE D 70 -3.40 -6.52 -38.30
CA PHE D 70 -2.64 -5.91 -37.22
C PHE D 70 -3.49 -5.42 -36.05
N ASP D 71 -4.54 -4.66 -36.37
CA ASP D 71 -5.44 -4.17 -35.35
C ASP D 71 -5.76 -5.25 -34.32
N ASP D 72 -6.11 -6.45 -34.75
CA ASP D 72 -6.59 -7.47 -33.84
C ASP D 72 -5.50 -7.95 -32.89
N PHE D 73 -4.29 -8.02 -33.39
CA PHE D 73 -3.13 -8.34 -32.58
C PHE D 73 -2.88 -7.26 -31.52
N GLU D 74 -2.77 -6.03 -31.98
CA GLU D 74 -2.57 -4.87 -31.11
C GLU D 74 -3.62 -4.76 -29.99
N GLU D 75 -4.88 -5.00 -30.35
CA GLU D 75 -5.98 -4.98 -29.38
C GLU D 75 -5.72 -5.90 -28.20
N ASP D 76 -5.36 -7.15 -28.49
CA ASP D 76 -5.04 -8.12 -27.46
C ASP D 76 -3.77 -7.68 -26.65
N PHE D 77 -2.73 -7.22 -27.32
CA PHE D 77 -1.60 -6.65 -26.57
C PHE D 77 -2.09 -5.56 -25.59
N ASN D 78 -3.01 -4.71 -26.06
CA ASN D 78 -3.49 -3.60 -25.26
C ASN D 78 -4.22 -4.10 -24.02
N LEU D 79 -5.07 -5.13 -24.18
CA LEU D 79 -5.64 -5.84 -23.05
C LEU D 79 -4.61 -6.23 -22.01
N ILE D 80 -3.51 -6.82 -22.46
CA ILE D 80 -2.53 -7.24 -21.49
C ILE D 80 -2.22 -6.06 -20.57
N VAL D 81 -1.92 -4.92 -21.17
CA VAL D 81 -1.59 -3.70 -20.45
C VAL D 81 -2.85 -3.18 -19.69
N SER D 82 -3.93 -2.96 -20.41
CA SER D 82 -5.10 -2.33 -19.75
C SER D 82 -5.58 -3.13 -18.54
N ASN D 83 -5.75 -4.44 -18.68
CA ASN D 83 -6.11 -5.30 -17.53
C ASN D 83 -5.24 -5.13 -16.29
N CYS D 84 -3.92 -5.15 -16.47
CA CYS D 84 -2.99 -5.02 -15.36
C CYS D 84 -3.11 -3.67 -14.64
N LEU D 85 -3.24 -2.58 -15.41
CA LEU D 85 -3.43 -1.25 -14.83
C LEU D 85 -4.82 -1.14 -14.16
N LYS D 86 -5.78 -1.94 -14.60
CA LYS D 86 -7.13 -1.88 -14.02
C LYS D 86 -7.19 -2.63 -12.70
N TYR D 87 -6.64 -3.85 -12.69
CA TYR D 87 -6.73 -4.74 -11.54
C TYR D 87 -5.79 -4.32 -10.39
N ASN D 88 -4.57 -3.90 -10.71
CA ASN D 88 -3.57 -3.63 -9.70
C ASN D 88 -3.47 -2.14 -9.28
N ALA D 89 -3.18 -1.93 -8.01
CA ALA D 89 -2.97 -0.62 -7.44
C ALA D 89 -1.74 0.04 -8.07
N LYS D 90 -1.76 1.36 -8.12
CA LYS D 90 -0.66 2.12 -8.74
C LYS D 90 0.70 1.83 -8.08
N ASP D 91 0.74 1.72 -6.75
CA ASP D 91 2.00 1.42 -6.05
C ASP D 91 2.24 -0.10 -5.98
N THR D 92 2.32 -0.75 -7.15
CA THR D 92 2.65 -2.17 -7.26
C THR D 92 3.68 -2.39 -8.35
N ILE D 93 4.46 -3.46 -8.22
CA ILE D 93 5.39 -3.86 -9.28
C ILE D 93 4.64 -4.19 -10.58
N PHE D 94 3.49 -4.83 -10.44
CA PHE D 94 2.66 -5.14 -11.62
C PHE D 94 2.23 -3.91 -12.40
N TYR D 95 1.68 -2.93 -11.71
CA TYR D 95 1.24 -1.69 -12.36
C TYR D 95 2.39 -1.01 -13.09
N ARG D 96 3.50 -0.82 -12.39
CA ARG D 96 4.71 -0.25 -12.98
C ARG D 96 5.26 -1.05 -14.18
N ALA D 97 5.19 -2.38 -14.12
CA ALA D 97 5.60 -3.21 -15.27
C ALA D 97 4.69 -2.97 -16.47
N ALA D 98 3.39 -2.82 -16.24
CA ALA D 98 2.47 -2.64 -17.32
C ALA D 98 2.72 -1.27 -17.99
N VAL D 99 3.03 -0.26 -17.17
CA VAL D 99 3.29 1.07 -17.69
C VAL D 99 4.52 1.03 -18.60
N ARG D 100 5.57 0.41 -18.12
CA ARG D 100 6.80 0.28 -18.88
C ARG D 100 6.51 -0.53 -20.16
N LEU D 101 5.79 -1.65 -20.04
CA LEU D 101 5.38 -2.41 -21.22
C LEU D 101 4.56 -1.61 -22.23
N ARG D 102 3.66 -0.78 -21.73
CA ARG D 102 2.84 0.05 -22.61
C ARG D 102 3.72 1.02 -23.42
N GLU D 103 4.65 1.70 -22.75
CA GLU D 103 5.58 2.59 -23.43
C GLU D 103 6.50 1.82 -24.37
N GLN D 104 7.09 0.75 -23.85
CA GLN D 104 8.09 0.01 -24.63
C GLN D 104 7.48 -0.79 -25.77
N GLY D 105 6.28 -1.35 -25.57
CA GLY D 105 5.64 -2.15 -26.60
C GLY D 105 4.88 -1.32 -27.61
N GLY D 106 4.45 -0.13 -27.19
CA GLY D 106 3.82 0.81 -28.11
C GLY D 106 4.76 1.14 -29.24
N ALA D 107 6.02 1.44 -28.89
CA ALA D 107 7.06 1.71 -29.88
C ALA D 107 7.29 0.50 -30.80
N VAL D 108 7.31 -0.71 -30.23
CA VAL D 108 7.50 -1.92 -31.06
C VAL D 108 6.32 -2.06 -32.03
N LEU D 109 5.12 -1.71 -31.58
CA LEU D 109 3.94 -1.82 -32.44
C LEU D 109 3.88 -0.77 -33.55
N ARG D 110 4.36 0.45 -33.27
CA ARG D 110 4.34 1.56 -34.25
C ARG D 110 5.34 1.33 -35.36
N GLN D 111 6.49 0.77 -35.02
CA GLN D 111 7.48 0.44 -36.04
C GLN D 111 7.00 -0.76 -36.84
N ALA D 112 6.38 -1.73 -36.17
CA ALA D 112 5.85 -2.90 -36.88
C ALA D 112 4.78 -2.48 -37.89
N ARG D 113 3.98 -1.47 -37.53
CA ARG D 113 2.97 -0.90 -38.44
C ARG D 113 3.57 -0.05 -39.56
N ARG D 114 4.67 0.64 -39.27
CA ARG D 114 5.39 1.35 -40.32
C ARG D 114 5.91 0.34 -41.31
N GLN D 115 6.44 -0.75 -40.79
CA GLN D 115 7.04 -1.80 -41.62
C GLN D 115 5.96 -2.52 -42.47
N ALA D 116 4.72 -2.59 -41.98
CA ALA D 116 3.62 -3.21 -42.74
C ALA D 116 3.23 -2.36 -43.96
N GLU D 117 2.91 -1.08 -43.75
CA GLU D 117 2.62 -0.17 -44.86
C GLU D 117 3.88 0.31 -45.63
N LYS D 118 5.05 -0.28 -45.33
CA LYS D 118 6.30 0.00 -46.05
C LYS D 118 6.90 -1.28 -46.63
#